data_8VIT
#
_entry.id   8VIT
#
_cell.length_a   42.936
_cell.length_b   57.094
_cell.length_c   81.029
_cell.angle_alpha   90.00
_cell.angle_beta   90.00
_cell.angle_gamma   90.00
#
_symmetry.space_group_name_H-M   'P 21 21 21'
#
loop_
_entity.id
_entity.type
_entity.pdbx_description
1 polymer 'FATTY ACID KINASE A'
2 non-polymer "ADENOSINE-5'-DIPHOSPHATE"
3 non-polymer 'MAGNESIUM ION'
4 non-polymer 'TETRAETHYLENE GLYCOL'
5 water water
#
_entity_poly.entity_id   1
_entity_poly.type   'polypeptide(L)'
_entity_poly.pdbx_seq_one_letter_code
;MGSSHHHHHHSSGLVPRGSHMISKINGKLFADMIIQGAQNLSNNADLVDSLNVYPVPDGDTGTNMNLTMTSGREEVENNL
SKNIGELGKTFSKGLLMGARGNSGVILSQLFRGFCKNIESESEINSKLLAESFQAGVETAYKAVMKPVEGTILTVAKDAA
QAAIEKANNTEDCIELMEYIIVKANESLENTPNLLAVLKEVGVVDSGGKGLLCVYEGFLKALKGEKVEAKVA
;
_entity_poly.pdbx_strand_id   A
#
loop_
_chem_comp.id
_chem_comp.type
_chem_comp.name
_chem_comp.formula
ADP non-polymer ADENOSINE-5'-DIPHOSPHATE 'C10 H15 N5 O10 P2'
MG non-polymer 'MAGNESIUM ION' 'Mg 2'
PG4 non-polymer 'TETRAETHYLENE GLYCOL' 'C8 H18 O5'
#
# COMPACT_ATOMS: atom_id res chain seq x y z
N SER A 19 -7.06 25.45 1.35
CA SER A 19 -5.83 25.81 0.58
C SER A 19 -5.09 24.56 0.11
N HIS A 20 -5.14 23.51 0.94
CA HIS A 20 -4.51 22.23 0.62
C HIS A 20 -5.51 21.12 0.95
N MET A 21 -6.52 20.98 0.09
CA MET A 21 -7.43 19.85 0.11
C MET A 21 -7.30 19.12 -1.21
N ILE A 22 -7.43 17.81 -1.17
CA ILE A 22 -7.41 16.99 -2.38
C ILE A 22 -8.81 16.42 -2.54
N SER A 23 -9.55 16.91 -3.52
CA SER A 23 -10.86 16.33 -3.78
CA SER A 23 -10.87 16.38 -3.82
C SER A 23 -10.84 15.30 -4.89
N LYS A 24 -9.87 15.35 -5.80
CA LYS A 24 -9.73 14.36 -6.84
C LYS A 24 -8.27 14.03 -7.05
N ILE A 25 -8.02 12.77 -7.37
CA ILE A 25 -6.67 12.25 -7.61
C ILE A 25 -6.59 11.84 -9.07
N ASN A 26 -5.77 12.55 -9.87
CA ASN A 26 -5.56 12.21 -11.26
C ASN A 26 -4.37 11.25 -11.37
N GLY A 27 -4.02 10.89 -12.61
CA GLY A 27 -2.96 9.91 -12.80
C GLY A 27 -1.61 10.39 -12.33
N LYS A 28 -1.33 11.70 -12.41
CA LYS A 28 -0.03 12.17 -11.94
C LYS A 28 0.05 12.17 -10.41
N LEU A 29 -1.03 12.52 -9.73
CA LEU A 29 -1.03 12.44 -8.28
C LEU A 29 -0.89 10.99 -7.83
N PHE A 30 -1.58 10.05 -8.49
CA PHE A 30 -1.39 8.65 -8.16
C PHE A 30 0.05 8.22 -8.40
N ALA A 31 0.64 8.66 -9.52
CA ALA A 31 2.04 8.34 -9.78
C ALA A 31 2.92 8.86 -8.65
N ASP A 32 2.67 10.09 -8.20
CA ASP A 32 3.43 10.65 -7.09
C ASP A 32 3.27 9.82 -5.83
N MET A 33 2.04 9.37 -5.54
CA MET A 33 1.81 8.48 -4.39
C MET A 33 2.64 7.21 -4.49
N ILE A 34 2.66 6.62 -5.68
CA ILE A 34 3.46 5.42 -5.92
C ILE A 34 4.94 5.69 -5.72
N ILE A 35 5.43 6.80 -6.25
CA ILE A 35 6.85 7.11 -6.21
C ILE A 35 7.31 7.41 -4.79
N GLN A 36 6.53 8.21 -4.06
CA GLN A 36 6.90 8.54 -2.69
C GLN A 36 6.71 7.35 -1.75
N GLY A 37 5.66 6.55 -1.96
CA GLY A 37 5.52 5.31 -1.21
C GLY A 37 6.66 4.36 -1.45
N ALA A 38 7.08 4.20 -2.70
CA ALA A 38 8.23 3.36 -3.02
C ALA A 38 9.49 3.88 -2.35
N GLN A 39 9.71 5.19 -2.39
CA GLN A 39 10.91 5.74 -1.77
C GLN A 39 10.90 5.53 -0.26
N ASN A 40 9.74 5.72 0.38
CA ASN A 40 9.68 5.56 1.82
C ASN A 40 9.93 4.09 2.21
N LEU A 41 9.40 3.16 1.42
CA LEU A 41 9.69 1.75 1.66
C LEU A 41 11.18 1.45 1.46
N SER A 42 11.77 1.96 0.38
CA SER A 42 13.19 1.72 0.15
CA SER A 42 13.20 1.76 0.13
C SER A 42 14.02 2.23 1.32
N ASN A 43 13.71 3.41 1.83
CA ASN A 43 14.45 3.96 2.94
C ASN A 43 14.37 3.09 4.20
N ASN A 44 13.30 2.30 4.33
CA ASN A 44 13.07 1.49 5.52
C ASN A 44 13.24 0.00 5.26
N ALA A 45 13.81 -0.38 4.11
CA ALA A 45 13.83 -1.79 3.72
C ALA A 45 14.69 -2.63 4.67
N ASP A 46 15.83 -2.11 5.13
CA ASP A 46 16.69 -2.89 6.02
C ASP A 46 16.00 -3.16 7.35
N LEU A 47 15.27 -2.16 7.85
CA LEU A 47 14.50 -2.34 9.08
C LEU A 47 13.43 -3.40 8.89
N VAL A 48 12.68 -3.29 7.79
CA VAL A 48 11.61 -4.25 7.53
C VAL A 48 12.19 -5.67 7.39
N ASP A 49 13.36 -5.80 6.73
CA ASP A 49 14.04 -7.09 6.65
C ASP A 49 14.29 -7.67 8.03
N SER A 50 14.84 -6.84 8.92
CA SER A 50 15.27 -7.33 10.21
C SER A 50 14.10 -7.76 11.09
N LEU A 51 12.91 -7.21 10.86
CA LEU A 51 11.73 -7.61 11.61
C LEU A 51 11.17 -8.96 11.19
N ASN A 52 11.60 -9.49 10.06
CA ASN A 52 10.94 -10.66 9.46
C ASN A 52 11.15 -11.89 10.34
N VAL A 53 10.05 -12.46 10.84
CA VAL A 53 10.08 -13.73 11.55
C VAL A 53 9.10 -14.75 10.99
N TYR A 54 8.04 -14.34 10.28
CA TYR A 54 7.00 -15.22 9.82
C TYR A 54 6.90 -15.19 8.30
N PRO A 55 6.76 -16.34 7.63
CA PRO A 55 6.72 -17.70 8.19
C PRO A 55 8.10 -18.24 8.60
N VAL A 56 9.15 -17.62 8.09
CA VAL A 56 10.54 -17.98 8.37
CA VAL A 56 10.52 -17.96 8.49
C VAL A 56 11.32 -16.69 8.63
N PRO A 57 12.26 -16.67 9.57
CA PRO A 57 13.03 -15.43 9.80
C PRO A 57 14.20 -15.30 8.84
N ASP A 58 13.90 -15.14 7.55
CA ASP A 58 14.94 -15.20 6.51
C ASP A 58 15.38 -13.82 6.04
N GLY A 59 15.01 -12.76 6.78
CA GLY A 59 15.63 -11.46 6.64
C GLY A 59 15.40 -10.75 5.33
N ASP A 60 14.23 -10.92 4.72
CA ASP A 60 14.05 -10.43 3.37
C ASP A 60 12.75 -9.67 3.09
N THR A 61 11.88 -9.43 4.07
CA THR A 61 10.60 -8.81 3.74
C THR A 61 10.80 -7.45 3.09
N GLY A 62 11.68 -6.64 3.66
CA GLY A 62 11.89 -5.31 3.13
C GLY A 62 12.47 -5.34 1.73
N THR A 63 13.48 -6.18 1.53
CA THR A 63 14.06 -6.35 0.21
C THR A 63 13.01 -6.83 -0.79
N ASN A 64 12.21 -7.83 -0.41
CA ASN A 64 11.20 -8.37 -1.31
C ASN A 64 10.19 -7.30 -1.69
N MET A 65 9.66 -6.59 -0.68
CA MET A 65 8.66 -5.55 -0.99
C MET A 65 9.28 -4.41 -1.76
N ASN A 66 10.50 -4.01 -1.40
CA ASN A 66 11.18 -2.93 -2.12
C ASN A 66 11.39 -3.30 -3.59
N LEU A 67 11.84 -4.53 -3.86
CA LEU A 67 12.07 -4.91 -5.25
C LEU A 67 10.77 -4.98 -6.03
N THR A 68 9.69 -5.46 -5.39
CA THR A 68 8.39 -5.51 -6.04
C THR A 68 7.88 -4.11 -6.35
N MET A 69 7.89 -3.25 -5.33
CA MET A 69 7.44 -1.88 -5.50
C MET A 69 8.28 -1.13 -6.54
N THR A 70 9.59 -1.39 -6.57
CA THR A 70 10.46 -0.73 -7.54
C THR A 70 10.09 -1.14 -8.96
N SER A 71 9.73 -2.40 -9.17
CA SER A 71 9.29 -2.84 -10.49
C SER A 71 8.05 -2.06 -10.93
N GLY A 72 7.11 -1.83 -10.03
CA GLY A 72 5.96 -1.00 -10.38
C GLY A 72 6.34 0.44 -10.60
N ARG A 73 7.17 1.00 -9.71
CA ARG A 73 7.56 2.41 -9.81
C ARG A 73 8.25 2.69 -11.13
N GLU A 74 9.13 1.78 -11.55
CA GLU A 74 9.88 2.00 -12.79
C GLU A 74 8.95 2.03 -13.99
N GLU A 75 7.94 1.16 -14.02
CA GLU A 75 7.01 1.21 -15.14
C GLU A 75 6.26 2.53 -15.14
N VAL A 76 5.84 2.98 -13.96
CA VAL A 76 5.11 4.25 -13.84
C VAL A 76 5.97 5.41 -14.31
N GLU A 77 7.23 5.48 -13.85
CA GLU A 77 8.07 6.62 -14.19
C GLU A 77 8.33 6.70 -15.69
N ASN A 78 8.28 5.58 -16.39
CA ASN A 78 8.54 5.56 -17.83
C ASN A 78 7.28 5.74 -18.66
N ASN A 79 6.10 5.74 -18.05
CA ASN A 79 4.84 5.82 -18.79
CA ASN A 79 4.82 5.77 -18.75
C ASN A 79 3.80 6.52 -17.91
N LEU A 80 4.01 7.81 -17.71
CA LEU A 80 3.05 8.60 -16.93
C LEU A 80 1.82 8.93 -17.77
N SER A 81 0.73 9.20 -17.08
CA SER A 81 -0.55 9.55 -17.72
C SER A 81 -1.36 10.42 -16.76
N LYS A 82 -2.15 11.33 -17.33
CA LYS A 82 -3.12 12.07 -16.53
C LYS A 82 -4.28 11.19 -16.11
N ASN A 83 -4.46 10.05 -16.76
CA ASN A 83 -5.62 9.19 -16.55
C ASN A 83 -5.26 8.17 -15.48
N ILE A 84 -5.93 8.23 -14.34
CA ILE A 84 -5.53 7.37 -13.21
C ILE A 84 -5.73 5.90 -13.55
N GLY A 85 -6.78 5.56 -14.30
CA GLY A 85 -7.00 4.16 -14.65
C GLY A 85 -5.89 3.60 -15.50
N GLU A 86 -5.44 4.36 -16.49
CA GLU A 86 -4.33 3.91 -17.31
C GLU A 86 -3.05 3.81 -16.51
N LEU A 87 -2.80 4.80 -15.63
CA LEU A 87 -1.61 4.75 -14.79
C LEU A 87 -1.64 3.53 -13.88
N GLY A 88 -2.83 3.22 -13.33
CA GLY A 88 -2.97 2.04 -12.51
C GLY A 88 -2.67 0.75 -13.27
N LYS A 89 -3.07 0.68 -14.55
CA LYS A 89 -2.74 -0.50 -15.34
C LYS A 89 -1.23 -0.67 -15.47
N THR A 90 -0.54 0.45 -15.68
CA THR A 90 0.91 0.43 -15.80
C THR A 90 1.57 0.00 -14.50
N PHE A 91 1.11 0.56 -13.37
CA PHE A 91 1.67 0.21 -12.07
C PHE A 91 1.43 -1.26 -11.76
N SER A 92 0.18 -1.70 -11.94
CA SER A 92 -0.21 -3.07 -11.65
C SER A 92 0.64 -4.07 -12.43
N LYS A 93 0.81 -3.83 -13.73
CA LYS A 93 1.60 -4.72 -14.56
C LYS A 93 3.03 -4.80 -14.05
N GLY A 94 3.61 -3.66 -13.67
CA GLY A 94 4.97 -3.66 -13.17
C GLY A 94 5.11 -4.48 -11.90
N LEU A 95 4.18 -4.31 -10.96
CA LEU A 95 4.22 -5.10 -9.72
C LEU A 95 4.10 -6.59 -10.01
N LEU A 96 3.19 -6.96 -10.91
CA LEU A 96 2.86 -8.35 -11.15
C LEU A 96 3.95 -9.10 -11.90
N MET A 97 4.83 -8.40 -12.59
CA MET A 97 5.95 -9.01 -13.29
C MET A 97 7.24 -8.98 -12.48
N GLY A 98 7.17 -8.50 -11.24
CA GLY A 98 8.35 -8.43 -10.39
C GLY A 98 8.08 -8.76 -8.94
N ALA A 99 7.05 -9.57 -8.67
CA ALA A 99 6.62 -9.82 -7.31
C ALA A 99 7.54 -10.86 -6.66
N ARG A 100 8.14 -10.49 -5.53
CA ARG A 100 9.13 -11.31 -4.86
C ARG A 100 8.64 -11.69 -3.47
N GLY A 101 8.70 -12.98 -3.14
CA GLY A 101 8.40 -13.44 -1.81
C GLY A 101 6.94 -13.40 -1.44
N ASN A 102 6.60 -13.93 -0.28
CA ASN A 102 5.21 -13.85 0.16
C ASN A 102 4.73 -12.40 0.21
N SER A 103 5.55 -11.50 0.73
CA SER A 103 5.10 -10.12 0.91
C SER A 103 4.95 -9.41 -0.41
N GLY A 104 5.89 -9.61 -1.34
CA GLY A 104 5.80 -8.96 -2.63
C GLY A 104 4.62 -9.48 -3.44
N VAL A 105 4.37 -10.78 -3.40
CA VAL A 105 3.19 -11.31 -4.06
C VAL A 105 1.92 -10.70 -3.46
N ILE A 106 1.80 -10.68 -2.13
CA ILE A 106 0.60 -10.10 -1.53
C ILE A 106 0.47 -8.62 -1.88
N LEU A 107 1.57 -7.87 -1.83
CA LEU A 107 1.52 -6.46 -2.17
C LEU A 107 1.04 -6.27 -3.60
N SER A 108 1.55 -7.08 -4.53
CA SER A 108 1.13 -6.96 -5.92
C SER A 108 -0.35 -7.28 -6.09
N GLN A 109 -0.89 -8.19 -5.29
CA GLN A 109 -2.30 -8.56 -5.41
C GLN A 109 -3.21 -7.49 -4.78
N LEU A 110 -2.80 -6.91 -3.65
CA LEU A 110 -3.49 -5.76 -3.08
C LEU A 110 -3.64 -4.67 -4.12
N PHE A 111 -2.54 -4.35 -4.79
CA PHE A 111 -2.59 -3.27 -5.77
C PHE A 111 -3.24 -3.70 -7.08
N ARG A 112 -3.18 -4.98 -7.42
CA ARG A 112 -3.95 -5.44 -8.59
C ARG A 112 -5.43 -5.14 -8.39
N GLY A 113 -5.97 -5.48 -7.23
CA GLY A 113 -7.38 -5.25 -6.98
C GLY A 113 -7.73 -3.77 -6.89
N PHE A 114 -6.85 -2.99 -6.24
CA PHE A 114 -7.03 -1.55 -6.15
C PHE A 114 -7.10 -0.93 -7.54
N CYS A 115 -6.11 -1.27 -8.38
CA CYS A 115 -6.05 -0.66 -9.70
C CYS A 115 -7.17 -1.16 -10.62
N LYS A 116 -7.55 -2.42 -10.52
CA LYS A 116 -8.67 -2.90 -11.32
C LYS A 116 -9.93 -2.10 -11.02
N ASN A 117 -10.12 -1.73 -9.76
CA ASN A 117 -11.32 -1.01 -9.36
C ASN A 117 -11.45 0.36 -10.01
N ILE A 118 -10.34 0.95 -10.45
CA ILE A 118 -10.34 2.30 -11.03
C ILE A 118 -9.94 2.31 -12.49
N GLU A 119 -9.93 1.15 -13.16
CA GLU A 119 -9.33 1.05 -14.48
CA GLU A 119 -9.33 1.05 -14.48
C GLU A 119 -9.98 1.98 -15.49
N SER A 120 -11.26 2.29 -15.32
CA SER A 120 -11.99 3.10 -16.28
CA SER A 120 -11.98 3.11 -16.29
C SER A 120 -12.09 4.57 -15.89
N GLU A 121 -11.47 4.98 -14.79
CA GLU A 121 -11.59 6.34 -14.30
C GLU A 121 -10.41 7.18 -14.80
N SER A 122 -10.67 8.49 -14.94
CA SER A 122 -9.56 9.43 -15.20
C SER A 122 -9.06 10.05 -13.91
N GLU A 123 -9.95 10.27 -12.92
CA GLU A 123 -9.58 10.72 -11.58
C GLU A 123 -10.53 10.03 -10.61
N ILE A 124 -10.12 9.97 -9.34
CA ILE A 124 -10.98 9.40 -8.30
C ILE A 124 -11.14 10.36 -7.13
N ASN A 125 -12.28 10.23 -6.44
CA ASN A 125 -12.57 10.98 -5.23
C ASN A 125 -12.27 10.10 -4.01
N SER A 126 -12.53 10.64 -2.83
CA SER A 126 -12.18 9.95 -1.60
C SER A 126 -12.98 8.65 -1.43
N LYS A 127 -14.24 8.64 -1.85
CA LYS A 127 -15.05 7.43 -1.72
C LYS A 127 -14.50 6.33 -2.62
N LEU A 128 -14.12 6.67 -3.85
CA LEU A 128 -13.56 5.65 -4.73
CA LEU A 128 -13.56 5.65 -4.73
C LEU A 128 -12.17 5.22 -4.27
N LEU A 129 -11.39 6.13 -3.67
CA LEU A 129 -10.12 5.72 -3.07
C LEU A 129 -10.36 4.67 -2.00
N ALA A 130 -11.29 4.91 -1.09
CA ALA A 130 -11.60 3.95 -0.03
C ALA A 130 -12.08 2.63 -0.62
N GLU A 131 -12.96 2.69 -1.61
CA GLU A 131 -13.47 1.47 -2.22
C GLU A 131 -12.37 0.68 -2.89
N SER A 132 -11.36 1.37 -3.42
CA SER A 132 -10.26 0.69 -4.10
C SER A 132 -9.35 -0.02 -3.11
N PHE A 133 -9.11 0.58 -1.94
CA PHE A 133 -8.42 -0.15 -0.89
C PHE A 133 -9.19 -1.42 -0.53
N GLN A 134 -10.51 -1.31 -0.36
CA GLN A 134 -11.30 -2.50 -0.06
C GLN A 134 -11.20 -3.55 -1.17
N ALA A 135 -11.28 -3.12 -2.43
CA ALA A 135 -11.18 -4.06 -3.54
C ALA A 135 -9.83 -4.78 -3.51
N GLY A 136 -8.77 -4.06 -3.16
CA GLY A 136 -7.46 -4.70 -3.05
C GLY A 136 -7.43 -5.77 -1.98
N VAL A 137 -8.03 -5.49 -0.82
CA VAL A 137 -8.11 -6.49 0.26
C VAL A 137 -8.81 -7.74 -0.23
N GLU A 138 -9.93 -7.58 -0.91
CA GLU A 138 -10.66 -8.74 -1.41
C GLU A 138 -9.80 -9.58 -2.35
N THR A 139 -9.10 -8.92 -3.27
CA THR A 139 -8.26 -9.64 -4.21
C THR A 139 -7.13 -10.38 -3.48
N ALA A 140 -6.51 -9.72 -2.51
CA ALA A 140 -5.37 -10.34 -1.82
C ALA A 140 -5.81 -11.54 -1.00
N TYR A 141 -6.91 -11.42 -0.25
CA TYR A 141 -7.38 -12.58 0.52
C TYR A 141 -7.72 -13.74 -0.40
N LYS A 142 -8.35 -13.47 -1.55
CA LYS A 142 -8.71 -14.55 -2.46
C LYS A 142 -7.46 -15.21 -3.06
N ALA A 143 -6.36 -14.48 -3.18
CA ALA A 143 -5.13 -14.97 -3.78
C ALA A 143 -4.34 -15.89 -2.86
N VAL A 144 -4.51 -15.75 -1.55
CA VAL A 144 -3.74 -16.47 -0.56
C VAL A 144 -4.53 -17.70 -0.14
N MET A 145 -3.97 -18.88 -0.36
CA MET A 145 -4.74 -20.09 -0.13
C MET A 145 -5.04 -20.30 1.34
N LYS A 146 -4.09 -19.98 2.21
CA LYS A 146 -4.24 -20.18 3.66
C LYS A 146 -3.89 -18.87 4.35
N PRO A 147 -4.79 -17.89 4.33
CA PRO A 147 -4.50 -16.61 4.98
C PRO A 147 -4.30 -16.77 6.48
N VAL A 148 -3.37 -15.99 7.02
CA VAL A 148 -3.09 -15.93 8.45
C VAL A 148 -3.25 -14.49 8.93
N GLU A 149 -3.90 -14.31 10.08
CA GLU A 149 -4.11 -13.00 10.66
C GLU A 149 -2.90 -12.57 11.49
N GLY A 150 -2.79 -11.26 11.70
CA GLY A 150 -1.61 -10.66 12.28
C GLY A 150 -0.57 -10.29 11.26
N THR A 151 -0.97 -10.08 10.01
CA THR A 151 -0.07 -9.98 8.88
C THR A 151 -0.40 -8.76 8.03
N ILE A 152 0.25 -8.66 6.88
CA ILE A 152 -0.06 -7.58 5.94
C ILE A 152 -1.53 -7.63 5.55
N LEU A 153 -2.13 -8.83 5.47
CA LEU A 153 -3.54 -8.91 5.12
C LEU A 153 -4.42 -8.23 6.17
N THR A 154 -4.11 -8.46 7.45
CA THR A 154 -4.88 -7.85 8.53
C THR A 154 -4.75 -6.34 8.49
N VAL A 155 -3.53 -5.85 8.34
CA VAL A 155 -3.32 -4.40 8.32
C VAL A 155 -4.06 -3.78 7.13
N ALA A 156 -3.96 -4.40 5.96
CA ALA A 156 -4.66 -3.86 4.80
C ALA A 156 -6.17 -3.87 5.02
N LYS A 157 -6.69 -4.95 5.60
CA LYS A 157 -8.12 -5.08 5.85
C LYS A 157 -8.61 -3.98 6.79
N ASP A 158 -7.89 -3.78 7.91
CA ASP A 158 -8.29 -2.76 8.88
C ASP A 158 -8.15 -1.36 8.30
N ALA A 159 -7.11 -1.13 7.49
CA ALA A 159 -6.95 0.17 6.84
C ALA A 159 -8.11 0.45 5.89
N ALA A 160 -8.53 -0.56 5.14
CA ALA A 160 -9.60 -0.36 4.17
C ALA A 160 -10.95 -0.15 4.86
N GLN A 161 -11.19 -0.83 5.98
CA GLN A 161 -12.43 -0.62 6.70
C GLN A 161 -12.48 0.80 7.25
N ALA A 162 -11.36 1.27 7.79
CA ALA A 162 -11.26 2.66 8.23
C ALA A 162 -11.51 3.61 7.07
N ALA A 163 -10.95 3.31 5.90
CA ALA A 163 -11.12 4.19 4.75
C ALA A 163 -12.59 4.33 4.37
N ILE A 164 -13.31 3.20 4.30
CA ILE A 164 -14.72 3.25 3.93
C ILE A 164 -15.52 4.06 4.92
N GLU A 165 -15.29 3.85 6.22
CA GLU A 165 -16.05 4.57 7.24
C GLU A 165 -15.78 6.07 7.15
N LYS A 166 -14.52 6.46 6.99
CA LYS A 166 -14.15 7.86 7.02
C LYS A 166 -14.57 8.58 5.74
N ALA A 167 -14.41 7.93 4.58
CA ALA A 167 -14.74 8.59 3.32
C ALA A 167 -16.22 8.92 3.23
N ASN A 168 -17.05 8.25 4.01
CA ASN A 168 -18.49 8.48 3.94
C ASN A 168 -18.84 9.91 4.31
N ASN A 169 -17.98 10.61 5.07
CA ASN A 169 -18.25 12.01 5.38
C ASN A 169 -17.00 12.90 5.24
N THR A 170 -16.01 12.46 4.46
CA THR A 170 -14.76 13.20 4.28
C THR A 170 -14.46 13.27 2.79
N GLU A 171 -14.56 14.48 2.22
CA GLU A 171 -14.18 14.67 0.82
C GLU A 171 -12.67 14.81 0.64
N ASP A 172 -11.95 15.31 1.65
CA ASP A 172 -10.53 15.59 1.52
C ASP A 172 -9.72 14.29 1.61
N CYS A 173 -9.02 13.97 0.54
CA CYS A 173 -8.20 12.77 0.52
C CYS A 173 -7.00 12.83 1.47
N ILE A 174 -6.51 14.02 1.81
CA ILE A 174 -5.45 14.12 2.81
C ILE A 174 -5.97 13.68 4.17
N GLU A 175 -7.11 14.26 4.59
CA GLU A 175 -7.71 13.88 5.86
C GLU A 175 -8.05 12.40 5.88
N LEU A 176 -8.56 11.89 4.76
CA LEU A 176 -8.86 10.47 4.67
C LEU A 176 -7.60 9.64 4.86
N MET A 177 -6.52 9.96 4.14
CA MET A 177 -5.31 9.15 4.21
C MET A 177 -4.68 9.23 5.59
N GLU A 178 -4.72 10.40 6.23
CA GLU A 178 -4.25 10.54 7.60
C GLU A 178 -4.96 9.56 8.52
N TYR A 179 -6.28 9.46 8.39
CA TYR A 179 -7.06 8.56 9.24
C TYR A 179 -6.75 7.10 8.93
N ILE A 180 -6.62 6.77 7.64
CA ILE A 180 -6.22 5.42 7.24
C ILE A 180 -4.91 5.04 7.93
N ILE A 181 -3.95 5.95 7.94
CA ILE A 181 -2.65 5.67 8.55
C ILE A 181 -2.79 5.49 10.06
N VAL A 182 -3.58 6.32 10.74
CA VAL A 182 -3.80 6.13 12.17
C VAL A 182 -4.32 4.73 12.42
N LYS A 183 -5.32 4.32 11.67
CA LYS A 183 -5.97 3.04 11.92
C LYS A 183 -5.11 1.87 11.46
N ALA A 184 -4.34 2.05 10.40
CA ALA A 184 -3.41 1.02 9.95
C ALA A 184 -2.30 0.83 10.97
N ASN A 185 -1.83 1.92 11.57
CA ASN A 185 -0.82 1.81 12.62
C ASN A 185 -1.38 1.07 13.84
N GLU A 186 -2.62 1.35 14.23
CA GLU A 186 -3.23 0.63 15.33
C GLU A 186 -3.30 -0.86 15.02
N SER A 187 -3.70 -1.20 13.81
CA SER A 187 -3.75 -2.60 13.38
C SER A 187 -2.36 -3.23 13.42
N LEU A 188 -1.35 -2.51 12.91
CA LEU A 188 0.01 -3.04 12.91
C LEU A 188 0.49 -3.30 14.34
N GLU A 189 0.22 -2.37 15.25
CA GLU A 189 0.63 -2.55 16.64
C GLU A 189 -0.12 -3.70 17.29
N ASN A 190 -1.27 -4.07 16.77
CA ASN A 190 -2.04 -5.20 17.28
C ASN A 190 -1.63 -6.54 16.69
N THR A 191 -0.83 -6.57 15.64
CA THR A 191 -0.45 -7.84 15.01
C THR A 191 0.12 -8.86 15.99
N PRO A 192 0.94 -8.48 16.99
CA PRO A 192 1.45 -9.52 17.92
C PRO A 192 0.37 -10.17 18.76
N ASN A 193 -0.81 -9.55 18.87
CA ASN A 193 -1.92 -10.15 19.60
C ASN A 193 -2.67 -11.16 18.76
N LEU A 194 -2.33 -11.32 17.48
CA LEU A 194 -2.95 -12.29 16.61
C LEU A 194 -2.02 -13.39 16.17
N LEU A 195 -0.73 -13.11 16.10
CA LEU A 195 0.27 -14.03 15.56
C LEU A 195 1.33 -14.24 16.64
N ALA A 196 1.38 -15.46 17.19
CA ALA A 196 2.15 -15.71 18.40
C ALA A 196 3.63 -15.39 18.25
N VAL A 197 4.23 -15.75 17.13
CA VAL A 197 5.68 -15.57 17.00
C VAL A 197 6.06 -14.10 17.10
N LEU A 198 5.18 -13.21 16.65
CA LEU A 198 5.48 -11.77 16.76
C LEU A 198 5.59 -11.36 18.23
N LYS A 199 4.64 -11.79 19.05
CA LYS A 199 4.68 -11.45 20.46
C LYS A 199 5.87 -12.09 21.15
N GLU A 200 6.17 -13.34 20.80
CA GLU A 200 7.28 -14.06 21.43
C GLU A 200 8.62 -13.41 21.13
N VAL A 201 8.81 -12.92 19.90
CA VAL A 201 10.08 -12.30 19.52
C VAL A 201 10.11 -10.83 19.93
N GLY A 202 8.95 -10.18 20.01
CA GLY A 202 8.90 -8.78 20.34
C GLY A 202 8.90 -7.85 19.14
N VAL A 203 8.26 -8.23 18.05
CA VAL A 203 8.20 -7.43 16.83
C VAL A 203 6.77 -7.31 16.34
N VAL A 204 6.53 -6.29 15.51
CA VAL A 204 5.31 -6.23 14.72
C VAL A 204 5.53 -6.98 13.41
N ASP A 205 4.47 -7.19 12.66
CA ASP A 205 4.59 -7.92 11.40
C ASP A 205 5.38 -7.13 10.38
N SER A 206 6.36 -7.78 9.75
CA SER A 206 7.22 -7.09 8.79
C SER A 206 6.47 -6.69 7.53
N GLY A 207 5.62 -7.58 6.99
CA GLY A 207 4.85 -7.20 5.82
C GLY A 207 3.95 -6.00 6.09
N GLY A 208 3.27 -6.03 7.24
CA GLY A 208 2.45 -4.88 7.63
C GLY A 208 3.24 -3.60 7.78
N LYS A 209 4.45 -3.70 8.34
CA LYS A 209 5.30 -2.52 8.44
C LYS A 209 5.68 -1.98 7.07
N GLY A 210 6.02 -2.87 6.14
CA GLY A 210 6.31 -2.41 4.79
C GLY A 210 5.12 -1.71 4.15
N LEU A 211 3.92 -2.24 4.38
CA LEU A 211 2.73 -1.60 3.83
C LEU A 211 2.53 -0.21 4.42
N LEU A 212 2.73 -0.06 5.73
CA LEU A 212 2.63 1.25 6.35
C LEU A 212 3.63 2.23 5.73
N CYS A 213 4.83 1.76 5.41
CA CYS A 213 5.81 2.63 4.76
C CYS A 213 5.26 3.18 3.45
N VAL A 214 4.61 2.32 2.66
CA VAL A 214 4.01 2.76 1.41
C VAL A 214 2.92 3.78 1.67
N TYR A 215 2.04 3.48 2.64
CA TYR A 215 0.92 4.38 2.92
C TYR A 215 1.41 5.75 3.40
N GLU A 216 2.50 5.78 4.18
N GLU A 216 2.48 5.78 4.22
CA GLU A 216 3.01 7.06 4.65
CA GLU A 216 3.02 7.06 4.64
C GLU A 216 3.63 7.88 3.52
C GLU A 216 3.49 7.87 3.45
N GLY A 217 4.14 7.20 2.49
CA GLY A 217 4.54 7.91 1.28
C GLY A 217 3.35 8.42 0.47
N PHE A 218 2.27 7.63 0.40
CA PHE A 218 1.06 8.11 -0.24
C PHE A 218 0.65 9.46 0.37
N LEU A 219 0.69 9.55 1.69
CA LEU A 219 0.25 10.78 2.34
C LEU A 219 1.17 11.94 2.00
N LYS A 220 2.48 11.72 2.02
CA LYS A 220 3.40 12.78 1.62
C LYS A 220 3.05 13.30 0.24
N ALA A 221 2.80 12.40 -0.71
CA ALA A 221 2.48 12.84 -2.08
C ALA A 221 1.18 13.63 -2.12
N LEU A 222 0.16 13.20 -1.35
CA LEU A 222 -1.10 13.93 -1.34
C LEU A 222 -0.91 15.34 -0.82
N LYS A 223 0.04 15.54 0.10
CA LYS A 223 0.37 16.87 0.61
C LYS A 223 1.30 17.64 -0.31
N GLY A 224 1.66 17.09 -1.46
CA GLY A 224 2.61 17.75 -2.35
C GLY A 224 4.03 17.77 -1.84
N GLU A 225 4.39 16.82 -0.99
CA GLU A 225 5.70 16.75 -0.39
C GLU A 225 6.47 15.55 -0.96
N LYS A 226 7.78 15.54 -0.77
CA LYS A 226 8.60 14.46 -1.25
C LYS A 226 9.30 13.77 -0.08
N VAL A 227 9.47 12.46 -0.20
CA VAL A 227 10.24 11.69 0.77
C VAL A 227 11.72 11.91 0.49
N GLU A 228 12.47 12.28 1.52
CA GLU A 228 13.90 12.44 1.37
C GLU A 228 14.54 11.07 1.15
N ALA A 229 15.34 10.93 0.11
CA ALA A 229 15.96 9.64 -0.19
C ALA A 229 17.15 9.39 0.73
N LYS A 230 17.14 8.26 1.41
CA LYS A 230 18.20 7.91 2.35
C LYS A 230 19.47 7.54 1.60
PB ADP B . 8.97 -15.08 2.60
O1B ADP B . 8.67 -15.34 1.14
O2B ADP B . 8.50 -16.14 3.57
O3B ADP B . 10.37 -14.60 2.85
PA ADP B . 8.43 -12.27 3.21
O1A ADP B . 8.58 -11.62 1.86
O2A ADP B . 9.54 -12.16 4.21
O3A ADP B . 8.01 -13.82 3.01
O5' ADP B . 7.10 -11.65 3.85
C5' ADP B . 6.68 -12.04 5.16
C4' ADP B . 5.31 -11.40 5.36
O4' ADP B . 4.39 -11.97 4.41
C3' ADP B . 4.70 -11.67 6.72
O3' ADP B . 5.26 -10.79 7.70
C2' ADP B . 3.23 -11.47 6.41
O2' ADP B . 2.88 -10.09 6.39
C1' ADP B . 3.10 -11.99 4.99
N9 ADP B . 2.59 -13.38 4.92
C8 ADP B . 3.32 -14.52 4.78
N7 ADP B . 2.48 -15.58 4.78
C5 ADP B . 1.23 -15.11 4.94
C6 ADP B . -0.10 -15.68 5.05
N6 ADP B . -0.33 -17.00 4.97
N1 ADP B . -1.13 -14.84 5.23
C2 ADP B . -0.97 -13.51 5.30
N3 ADP B . 0.23 -12.90 5.20
C4 ADP B . 1.33 -13.67 5.04
MG MG C . 11.03 -13.54 4.55
MG MG D . 12.13 -15.41 1.78
C2 PG4 E . 4.68 3.50 10.80
O2 PG4 E . 5.47 2.57 10.08
C3 PG4 E . 5.92 3.04 8.82
C4 PG4 E . 7.08 3.97 9.00
O3 PG4 E . 8.16 3.29 9.62
C5 PG4 E . 9.31 4.11 9.77
C6 PG4 E . 10.31 3.45 10.69
O4 PG4 E . 9.68 3.15 11.92
C7 PG4 E . 10.61 2.83 12.96
C8 PG4 E . 9.90 2.29 14.14
O5 PG4 E . 9.27 1.05 13.86
#